data_6KO2
#
_entry.id   6KO2
#
_cell.length_a   59.219
_cell.length_b   73.907
_cell.length_c   32.361
_cell.angle_alpha   90.000
_cell.angle_beta   90.000
_cell.angle_gamma   90.000
#
_symmetry.space_group_name_H-M   'P 21 21 2'
#
loop_
_entity.id
_entity.type
_entity.pdbx_description
1 polymer 'Bromodomain-containing protein 4'
2 polymer 'histone H2A.Z peptide'
3 water water
#
loop_
_entity_poly.entity_id
_entity_poly.type
_entity_poly.pdbx_seq_one_letter_code
_entity_poly.pdbx_strand_id
1 'polypeptide(L)'
;GPLGSEQLKCCSGILKEMFAKKHAAYAWPFYKPVDVEALGLHDYCDIIKHPMDMSTIKSKLEAREYRDAQEFGADVRLMF
SNCYKYNPPDHEVVAMARKLQDVFEMRFAKM
;
A
2 'polypeptide(L)' G(ALY)AG(ALY)DS B
#
# COMPACT_ATOMS: atom_id res chain seq x y z
N SER A 5 -12.76 17.44 -5.29
CA SER A 5 -12.65 16.78 -6.59
C SER A 5 -11.22 16.86 -7.11
N GLU A 6 -10.61 18.04 -6.97
CA GLU A 6 -9.23 18.21 -7.40
C GLU A 6 -8.28 17.40 -6.52
N GLN A 7 -8.54 17.39 -5.21
CA GLN A 7 -7.78 16.54 -4.30
C GLN A 7 -7.80 15.09 -4.76
N LEU A 8 -8.99 14.57 -5.06
CA LEU A 8 -9.12 13.18 -5.42
C LEU A 8 -8.46 12.88 -6.76
N LYS A 9 -8.45 13.84 -7.69
CA LYS A 9 -7.69 13.63 -8.92
C LYS A 9 -6.22 13.46 -8.63
N CYS A 10 -5.69 14.27 -7.73
CA CYS A 10 -4.29 14.15 -7.34
CA CYS A 10 -4.29 14.16 -7.31
C CYS A 10 -4.02 12.80 -6.68
N CYS A 11 -4.94 12.35 -5.82
CA CYS A 11 -4.77 11.04 -5.18
C CYS A 11 -4.69 9.93 -6.22
N SER A 12 -5.53 9.98 -7.25
CA SER A 12 -5.47 8.99 -8.32
CA SER A 12 -5.46 8.98 -8.30
C SER A 12 -4.11 9.05 -9.02
N GLY A 13 -3.59 10.25 -9.24
CA GLY A 13 -2.30 10.38 -9.88
C GLY A 13 -1.18 9.83 -9.03
N ILE A 14 -1.25 10.05 -7.71
CA ILE A 14 -0.25 9.48 -6.82
C ILE A 14 -0.26 7.97 -6.89
N LEU A 15 -1.47 7.36 -6.83
CA LEU A 15 -1.56 5.91 -6.89
C LEU A 15 -1.05 5.40 -8.23
N LYS A 16 -1.36 6.11 -9.32
CA LYS A 16 -0.85 5.69 -10.62
C LYS A 16 0.67 5.67 -10.65
N GLU A 17 1.29 6.68 -10.04
CA GLU A 17 2.75 6.66 -9.97
C GLU A 17 3.24 5.47 -9.14
N MET A 18 2.56 5.16 -8.03
CA MET A 18 2.97 4.03 -7.22
C MET A 18 2.89 2.71 -7.98
N PHE A 19 2.02 2.61 -9.00
CA PHE A 19 1.89 1.43 -9.85
C PHE A 19 2.85 1.45 -11.05
N ALA A 20 3.64 2.50 -11.20
CA ALA A 20 4.43 2.74 -12.41
C ALA A 20 5.67 1.85 -12.45
N LYS A 21 6.16 1.63 -13.67
CA LYS A 21 7.31 0.75 -13.87
C LYS A 21 8.52 1.19 -13.06
N LYS A 22 8.74 2.50 -12.91
CA LYS A 22 9.97 2.95 -12.27
C LYS A 22 10.04 2.54 -10.81
N HIS A 23 8.91 2.27 -10.16
CA HIS A 23 8.89 1.86 -8.76
C HIS A 23 8.60 0.39 -8.59
N ALA A 24 8.50 -0.37 -9.68
CA ALA A 24 7.95 -1.71 -9.60
C ALA A 24 8.84 -2.69 -8.82
N ALA A 25 10.15 -2.45 -8.77
CA ALA A 25 11.02 -3.39 -8.08
C ALA A 25 10.80 -3.42 -6.58
N TYR A 26 10.24 -2.36 -5.99
CA TYR A 26 9.91 -2.34 -4.58
C TYR A 26 8.42 -2.16 -4.28
N ALA A 27 7.60 -1.79 -5.27
CA ALA A 27 6.17 -1.60 -5.02
C ALA A 27 5.37 -2.90 -5.17
N TRP A 28 5.90 -3.89 -5.88
CA TRP A 28 5.09 -5.04 -6.23
C TRP A 28 4.49 -5.79 -5.04
N PRO A 29 5.09 -5.87 -3.84
CA PRO A 29 4.41 -6.59 -2.75
C PRO A 29 3.09 -5.99 -2.36
N PHE A 30 2.83 -4.73 -2.72
CA PHE A 30 1.67 -3.97 -2.27
C PHE A 30 0.58 -3.88 -3.32
N TYR A 31 0.80 -4.48 -4.50
CA TYR A 31 -0.15 -4.33 -5.61
C TYR A 31 -1.50 -4.96 -5.32
N LYS A 32 -1.51 -6.13 -4.69
CA LYS A 32 -2.71 -6.94 -4.50
C LYS A 32 -2.84 -7.33 -3.04
N PRO A 33 -4.03 -7.77 -2.59
CA PRO A 33 -4.17 -8.22 -1.20
C PRO A 33 -3.14 -9.27 -0.86
N VAL A 34 -2.65 -9.22 0.37
CA VAL A 34 -1.76 -10.28 0.85
C VAL A 34 -2.45 -11.62 0.66
N ASP A 35 -1.72 -12.58 0.12
CA ASP A 35 -2.26 -13.93 -0.14
C ASP A 35 -2.19 -14.74 1.14
N VAL A 36 -3.28 -14.79 1.89
CA VAL A 36 -3.25 -15.40 3.22
C VAL A 36 -3.27 -16.92 3.17
N GLU A 37 -3.39 -17.50 1.99
CA GLU A 37 -3.28 -18.96 1.85
C GLU A 37 -1.86 -19.40 1.53
N ALA A 38 -0.95 -18.47 1.29
CA ALA A 38 0.43 -18.81 0.98
C ALA A 38 1.15 -19.34 2.21
N LEU A 39 2.16 -20.17 1.96
CA LEU A 39 2.90 -20.76 3.07
C LEU A 39 3.53 -19.67 3.93
N GLY A 40 3.28 -19.75 5.23
CA GLY A 40 3.81 -18.81 6.19
C GLY A 40 2.82 -17.76 6.62
N LEU A 41 1.71 -17.58 5.90
CA LEU A 41 0.77 -16.50 6.16
CA LEU A 41 0.79 -16.49 6.17
C LEU A 41 -0.47 -16.96 6.91
N HIS A 42 -0.42 -18.15 7.54
CA HIS A 42 -1.59 -18.68 8.24
C HIS A 42 -2.03 -17.84 9.43
N ASP A 43 -1.14 -16.97 9.94
CA ASP A 43 -1.47 -16.12 11.08
C ASP A 43 -1.72 -14.67 10.68
N TYR A 44 -1.75 -14.37 9.37
CA TYR A 44 -1.84 -12.97 8.95
C TYR A 44 -3.11 -12.31 9.47
N CYS A 45 -4.26 -12.96 9.31
CA CYS A 45 -5.53 -12.37 9.71
C CYS A 45 -5.71 -12.31 11.21
N ASP A 46 -4.94 -13.10 11.97
CA ASP A 46 -4.96 -12.98 13.43
C ASP A 46 -4.26 -11.72 13.89
N ILE A 47 -3.32 -11.22 13.09
CA ILE A 47 -2.48 -10.10 13.47
C ILE A 47 -2.95 -8.82 12.81
N ILE A 48 -3.42 -8.91 11.58
CA ILE A 48 -3.80 -7.75 10.78
C ILE A 48 -5.33 -7.75 10.69
N LYS A 49 -5.96 -6.85 11.42
CA LYS A 49 -7.42 -6.81 11.46
C LYS A 49 -8.04 -6.13 10.24
N HIS A 50 -7.32 -5.25 9.56
CA HIS A 50 -7.84 -4.48 8.45
C HIS A 50 -6.84 -4.49 7.31
N PRO A 51 -6.82 -5.54 6.51
CA PRO A 51 -5.92 -5.59 5.36
C PRO A 51 -6.19 -4.47 4.36
N MET A 52 -5.12 -4.03 3.70
CA MET A 52 -5.24 -3.03 2.66
C MET A 52 -4.11 -3.20 1.64
N ASP A 53 -4.40 -2.83 0.40
CA ASP A 53 -3.46 -2.98 -0.71
C ASP A 53 -3.82 -1.98 -1.79
N MET A 54 -2.91 -1.81 -2.77
CA MET A 54 -3.08 -0.76 -3.77
C MET A 54 -4.24 -1.02 -4.71
N SER A 55 -4.53 -2.28 -5.06
N SER A 55 -4.51 -2.27 -5.07
CA SER A 55 -5.66 -2.53 -5.95
CA SER A 55 -5.65 -2.57 -5.93
C SER A 55 -6.99 -2.25 -5.26
C SER A 55 -6.95 -2.19 -5.24
N THR A 56 -7.08 -2.53 -3.95
CA THR A 56 -8.28 -2.17 -3.21
C THR A 56 -8.43 -0.65 -3.13
N ILE A 57 -7.34 0.07 -2.88
CA ILE A 57 -7.40 1.53 -2.87
C ILE A 57 -7.85 2.05 -4.23
N LYS A 58 -7.33 1.47 -5.32
CA LYS A 58 -7.75 1.90 -6.65
C LYS A 58 -9.25 1.69 -6.85
N SER A 59 -9.77 0.54 -6.45
CA SER A 59 -11.21 0.27 -6.63
C SER A 59 -12.04 1.25 -5.81
N LYS A 60 -11.58 1.62 -4.61
CA LYS A 60 -12.32 2.59 -3.81
C LYS A 60 -12.30 3.98 -4.43
N LEU A 61 -11.17 4.42 -5.02
CA LEU A 61 -11.17 5.67 -5.76
C LEU A 61 -12.15 5.61 -6.94
N GLU A 62 -12.18 4.50 -7.65
CA GLU A 62 -13.04 4.38 -8.82
C GLU A 62 -14.50 4.39 -8.42
N ALA A 63 -14.83 3.87 -7.25
CA ALA A 63 -16.20 3.90 -6.72
C ALA A 63 -16.54 5.19 -5.98
N ARG A 64 -15.59 6.13 -5.92
CA ARG A 64 -15.72 7.40 -5.22
C ARG A 64 -16.00 7.21 -3.74
N GLU A 65 -15.47 6.14 -3.15
CA GLU A 65 -15.68 5.92 -1.74
C GLU A 65 -14.98 6.97 -0.88
N TYR A 66 -13.79 7.40 -1.27
CA TYR A 66 -13.08 8.41 -0.51
C TYR A 66 -13.69 9.78 -0.76
N ARG A 67 -14.07 10.47 0.30
CA ARG A 67 -14.66 11.78 0.12
C ARG A 67 -13.63 12.88 0.02
N ASP A 68 -12.39 12.63 0.47
CA ASP A 68 -11.34 13.63 0.39
C ASP A 68 -9.99 12.92 0.45
N ALA A 69 -8.92 13.70 0.29
CA ALA A 69 -7.58 13.14 0.25
C ALA A 69 -7.19 12.53 1.58
N GLN A 70 -7.69 13.06 2.69
CA GLN A 70 -7.30 12.50 3.99
C GLN A 70 -7.78 11.07 4.13
N GLU A 71 -8.98 10.76 3.63
CA GLU A 71 -9.48 9.39 3.72
C GLU A 71 -8.66 8.43 2.86
N PHE A 72 -8.31 8.86 1.65
CA PHE A 72 -7.40 8.10 0.79
C PHE A 72 -6.06 7.87 1.47
N GLY A 73 -5.48 8.92 2.06
CA GLY A 73 -4.19 8.79 2.69
C GLY A 73 -4.22 7.82 3.87
N ALA A 74 -5.33 7.80 4.59
CA ALA A 74 -5.44 6.87 5.71
C ALA A 74 -5.33 5.44 5.23
N ASP A 75 -5.93 5.12 4.09
CA ASP A 75 -5.83 3.75 3.59
C ASP A 75 -4.43 3.43 3.09
N VAL A 76 -3.74 4.38 2.47
CA VAL A 76 -2.37 4.14 2.06
C VAL A 76 -1.50 3.86 3.28
N ARG A 77 -1.65 4.68 4.31
CA ARG A 77 -0.83 4.48 5.50
C ARG A 77 -1.21 3.21 6.25
N LEU A 78 -2.48 2.80 6.20
CA LEU A 78 -2.89 1.52 6.77
C LEU A 78 -2.13 0.38 6.10
N MET A 79 -2.05 0.41 4.77
CA MET A 79 -1.31 -0.59 4.02
C MET A 79 0.12 -0.71 4.51
N PHE A 80 0.82 0.41 4.66
CA PHE A 80 2.20 0.37 5.12
C PHE A 80 2.28 -0.08 6.58
N SER A 81 1.41 0.46 7.43
CA SER A 81 1.40 0.07 8.84
C SER A 81 1.20 -1.42 9.01
N ASN A 82 0.33 -2.04 8.19
CA ASN A 82 0.13 -3.48 8.31
C ASN A 82 1.42 -4.22 8.02
N CYS A 83 2.17 -3.75 7.03
CA CYS A 83 3.45 -4.36 6.70
C CYS A 83 4.44 -4.22 7.84
N TYR A 84 4.50 -3.05 8.46
CA TYR A 84 5.42 -2.83 9.59
C TYR A 84 4.99 -3.62 10.82
N LYS A 85 3.70 -3.89 10.97
CA LYS A 85 3.22 -4.63 12.13
C LYS A 85 3.48 -6.13 11.97
N TYR A 86 3.24 -6.67 10.78
CA TYR A 86 3.29 -8.12 10.61
C TYR A 86 4.71 -8.65 10.45
N ASN A 87 5.57 -7.91 9.77
CA ASN A 87 6.86 -8.43 9.39
C ASN A 87 7.93 -7.99 10.36
N PRO A 88 8.99 -8.78 10.52
CA PRO A 88 10.12 -8.32 11.31
C PRO A 88 10.74 -7.07 10.71
N PRO A 89 11.32 -6.20 11.54
CA PRO A 89 11.80 -4.91 11.03
C PRO A 89 12.94 -5.01 10.03
N ASP A 90 13.73 -6.08 10.05
N ASP A 90 13.71 -6.09 10.06
CA ASP A 90 14.82 -6.24 9.10
CA ASP A 90 14.82 -6.27 9.13
C ASP A 90 14.41 -7.07 7.89
C ASP A 90 14.40 -6.97 7.84
N HIS A 91 13.12 -7.32 7.70
CA HIS A 91 12.66 -8.06 6.54
C HIS A 91 12.79 -7.21 5.27
N GLU A 92 13.09 -7.88 4.16
CA GLU A 92 13.25 -7.13 2.92
C GLU A 92 11.96 -6.40 2.53
N VAL A 93 10.79 -6.94 2.88
CA VAL A 93 9.55 -6.28 2.46
C VAL A 93 9.37 -4.98 3.22
N VAL A 94 9.91 -4.88 4.44
CA VAL A 94 9.82 -3.65 5.20
C VAL A 94 10.70 -2.56 4.57
N ALA A 95 11.88 -2.93 4.07
CA ALA A 95 12.69 -1.95 3.37
C ALA A 95 12.01 -1.46 2.09
N MET A 96 11.30 -2.37 1.40
CA MET A 96 10.57 -1.97 0.20
C MET A 96 9.42 -1.04 0.57
N ALA A 97 8.71 -1.37 1.66
CA ALA A 97 7.65 -0.49 2.13
C ALA A 97 8.16 0.91 2.43
N ARG A 98 9.31 1.01 3.13
CA ARG A 98 9.82 2.35 3.43
C ARG A 98 10.09 3.14 2.16
N LYS A 99 10.62 2.49 1.12
CA LYS A 99 10.88 3.19 -0.13
C LYS A 99 9.59 3.66 -0.78
N LEU A 100 8.60 2.78 -0.88
CA LEU A 100 7.37 3.18 -1.53
C LEU A 100 6.64 4.23 -0.69
N GLN A 101 6.72 4.12 0.63
CA GLN A 101 6.08 5.12 1.47
C GLN A 101 6.77 6.47 1.30
N ASP A 102 8.09 6.49 1.06
CA ASP A 102 8.74 7.76 0.78
C ASP A 102 8.21 8.38 -0.51
N VAL A 103 8.05 7.57 -1.56
CA VAL A 103 7.44 8.06 -2.80
C VAL A 103 6.09 8.70 -2.49
N PHE A 104 5.26 7.98 -1.75
CA PHE A 104 3.93 8.46 -1.42
C PHE A 104 3.98 9.73 -0.60
N GLU A 105 4.74 9.73 0.50
CA GLU A 105 4.66 10.86 1.43
C GLU A 105 5.12 12.15 0.78
N MET A 106 6.14 12.08 -0.07
CA MET A 106 6.62 13.30 -0.70
C MET A 106 5.60 13.85 -1.69
N ARG A 107 4.89 12.98 -2.41
CA ARG A 107 3.83 13.47 -3.30
C ARG A 107 2.64 13.98 -2.50
N PHE A 108 2.22 13.25 -1.47
CA PHE A 108 1.02 13.60 -0.72
C PHE A 108 1.21 14.91 0.01
N ALA A 109 2.45 15.20 0.44
CA ALA A 109 2.71 16.45 1.13
C ALA A 109 2.57 17.65 0.18
N LYS A 110 2.80 17.45 -1.11
CA LYS A 110 3.05 18.53 -2.07
C LYS A 110 1.92 18.69 -3.06
N MET A 111 0.75 18.14 -2.75
CA MET A 111 -0.38 18.22 -3.66
C MET A 111 -1.07 19.57 -3.51
N GLY B 1 6.16 -16.16 8.65
CA GLY B 1 5.60 -15.09 7.86
C GLY B 1 6.06 -15.12 6.42
N ALA B 3 8.32 -15.02 3.15
CA ALA B 3 9.62 -15.53 2.71
C ALA B 3 10.38 -14.45 1.96
N GLY B 4 11.63 -14.75 1.59
CA GLY B 4 12.37 -13.88 0.70
C GLY B 4 11.60 -13.73 -0.60
N ASP B 6 11.43 -11.00 -3.95
CA ASP B 6 12.16 -10.97 -5.22
C ASP B 6 11.40 -11.27 -6.53
N SER B 7 10.07 -11.15 -6.55
CA SER B 7 9.34 -11.49 -7.78
C SER B 7 7.95 -10.85 -7.82
#